data_3H20
#
_entry.id   3H20
#
_cell.length_a   91.740
_cell.length_b   91.740
_cell.length_c   83.480
_cell.angle_alpha   90.000
_cell.angle_beta   90.000
_cell.angle_gamma   90.000
#
_symmetry.space_group_name_H-M   'P 43 21 2'
#
loop_
_entity.id
_entity.type
_entity.pdbx_description
1 polymer 'Replication protein B'
2 non-polymer 'SULFATE ION'
3 non-polymer DIPHOSPHATE
4 water water
#
_entity_poly.entity_id   1
_entity_poly.type   'polypeptide(L)'
_entity_poly.pdbx_seq_one_letter_code
;MKNDRTLQAIGRQLKAMGCERFDIGVRDATTGQMMNREWSAAEVLQNTPWLKRMNAQGNDVYIRPAEQERHGLVLVDDLS
EFDLDDMKAEGREPALVVETSPKNYQAWVKVADAAGGELRGQIARTLASEYDADPASADSRHYGRLAGFTNRKDKHTTRA
GYQPWVLLRESKGKTATAGPALVQQAGQQIEQAQRQQEKARRLASLELPERQLSRHRRTALDEYRSEMAGLVKRFGDDLS
KCDFIAAQKLASRGRSAEEIGKAMAEASPALAERKPGHEADYIERTVSKVMGLPSVQLARAELARAPAPRQRGMDRGGPD
FSM
;
_entity_poly.pdbx_strand_id   A
#
# COMPACT_ATOMS: atom_id res chain seq x y z
N ARG A 5 -1.39 -33.29 -20.74
CA ARG A 5 -1.21 -33.03 -19.29
C ARG A 5 -1.57 -31.60 -18.90
N THR A 6 -1.43 -30.66 -19.83
CA THR A 6 -1.79 -29.26 -19.58
C THR A 6 -3.25 -29.11 -19.15
N LEU A 7 -4.15 -29.70 -19.94
CA LEU A 7 -5.59 -29.66 -19.66
C LEU A 7 -5.90 -30.24 -18.29
N GLN A 8 -5.34 -31.40 -18.00
CA GLN A 8 -5.53 -32.07 -16.72
C GLN A 8 -5.00 -31.23 -15.55
N ALA A 9 -3.84 -30.59 -15.73
CA ALA A 9 -3.27 -29.76 -14.67
C ALA A 9 -4.14 -28.52 -14.40
N ILE A 10 -4.57 -27.85 -15.46
CA ILE A 10 -5.44 -26.68 -15.33
C ILE A 10 -6.73 -27.08 -14.59
N GLY A 11 -7.35 -28.16 -15.05
CA GLY A 11 -8.57 -28.70 -14.41
C GLY A 11 -8.43 -28.97 -12.91
N ARG A 12 -7.35 -29.66 -12.53
CA ARG A 12 -7.07 -29.90 -11.10
C ARG A 12 -6.78 -28.63 -10.31
N GLN A 13 -6.04 -27.69 -10.91
CA GLN A 13 -5.73 -26.42 -10.22
C GLN A 13 -6.98 -25.57 -9.98
N LEU A 14 -7.82 -25.42 -11.00
CA LEU A 14 -9.12 -24.71 -10.85
C LEU A 14 -10.03 -25.33 -9.79
N LYS A 15 -10.11 -26.66 -9.74
CA LYS A 15 -10.93 -27.33 -8.74
C LYS A 15 -10.39 -27.06 -7.33
N ALA A 16 -9.06 -27.14 -7.19
CA ALA A 16 -8.41 -26.97 -5.88
C ALA A 16 -8.56 -25.52 -5.40
N MET A 17 -8.50 -24.59 -6.34
CA MET A 17 -8.72 -23.17 -6.02
C MET A 17 -10.19 -22.95 -5.68
N GLY A 18 -11.08 -23.58 -6.43
CA GLY A 18 -12.49 -23.63 -6.09
C GLY A 18 -13.35 -22.45 -6.47
N CYS A 19 -12.77 -21.44 -7.12
CA CYS A 19 -13.53 -20.23 -7.49
C CYS A 19 -14.48 -20.49 -8.66
N GLU A 20 -15.55 -19.70 -8.71
CA GLU A 20 -16.43 -19.67 -9.88
C GLU A 20 -15.78 -18.92 -11.04
N ARG A 21 -15.09 -17.82 -10.74
CA ARG A 21 -14.46 -16.99 -11.77
C ARG A 21 -13.01 -16.61 -11.42
N PHE A 22 -12.18 -16.46 -12.47
CA PHE A 22 -10.74 -16.23 -12.34
C PHE A 22 -10.30 -15.09 -13.27
N ASP A 23 -9.26 -14.36 -12.87
CA ASP A 23 -8.52 -13.51 -13.79
C ASP A 23 -7.36 -14.34 -14.34
N ILE A 24 -7.23 -14.36 -15.65
CA ILE A 24 -6.07 -14.97 -16.30
C ILE A 24 -5.20 -13.84 -16.86
N GLY A 25 -3.92 -13.85 -16.51
CA GLY A 25 -2.99 -12.84 -17.03
C GLY A 25 -1.99 -13.47 -17.99
N VAL A 26 -1.75 -12.76 -19.08
CA VAL A 26 -0.81 -13.20 -20.11
C VAL A 26 0.20 -12.07 -20.34
N ARG A 27 1.47 -12.35 -20.02
CA ARG A 27 2.55 -11.35 -20.14
C ARG A 27 3.73 -11.80 -21.00
N ASP A 28 4.06 -10.98 -22.00
CA ASP A 28 5.21 -11.22 -22.87
C ASP A 28 6.51 -10.89 -22.13
N ALA A 29 7.28 -11.93 -21.85
CA ALA A 29 8.52 -11.84 -21.07
C ALA A 29 9.62 -10.99 -21.71
N THR A 30 9.60 -10.87 -23.03
CA THR A 30 10.63 -10.12 -23.75
C THR A 30 10.21 -8.66 -23.88
N THR A 31 8.94 -8.44 -24.21
CA THR A 31 8.46 -7.13 -24.62
C THR A 31 7.89 -6.36 -23.43
N GLY A 32 7.12 -7.06 -22.60
CA GLY A 32 6.50 -6.45 -21.44
C GLY A 32 4.99 -6.43 -21.53
N GLN A 33 4.47 -6.79 -22.70
CA GLN A 33 3.06 -6.55 -23.02
C GLN A 33 2.15 -7.43 -22.17
N MET A 34 1.00 -6.87 -21.79
CA MET A 34 0.14 -7.52 -20.80
C MET A 34 -1.30 -7.62 -21.31
N MET A 35 -1.94 -8.75 -21.03
CA MET A 35 -3.38 -8.88 -21.24
C MET A 35 -3.99 -9.52 -19.99
N ASN A 36 -5.19 -9.08 -19.65
CA ASN A 36 -5.95 -9.66 -18.53
C ASN A 36 -7.37 -9.98 -18.97
N ARG A 37 -7.81 -11.21 -18.74
CA ARG A 37 -9.19 -11.61 -19.03
C ARG A 37 -9.85 -12.22 -17.80
N GLU A 38 -11.16 -11.98 -17.64
CA GLU A 38 -11.92 -12.63 -16.58
C GLU A 38 -12.84 -13.70 -17.17
N TRP A 39 -12.71 -14.92 -16.64
CA TRP A 39 -13.34 -16.12 -17.20
C TRP A 39 -13.85 -17.07 -16.12
N SER A 40 -14.99 -17.73 -16.35
CA SER A 40 -15.37 -18.89 -15.52
C SER A 40 -14.33 -19.99 -15.68
N ALA A 41 -14.31 -20.96 -14.77
CA ALA A 41 -13.46 -22.14 -14.91
C ALA A 41 -13.67 -22.83 -16.28
N ALA A 42 -14.93 -22.97 -16.71
CA ALA A 42 -15.25 -23.55 -18.02
C ALA A 42 -14.63 -22.76 -19.17
N GLU A 43 -14.64 -21.42 -19.05
CA GLU A 43 -14.05 -20.54 -20.05
C GLU A 43 -12.52 -20.60 -20.08
N VAL A 44 -11.89 -20.79 -18.91
CA VAL A 44 -10.42 -20.97 -18.84
C VAL A 44 -10.03 -22.22 -19.66
N LEU A 45 -10.72 -23.33 -19.41
CA LEU A 45 -10.50 -24.56 -20.17
C LEU A 45 -10.80 -24.41 -21.67
N GLN A 46 -11.87 -23.69 -21.99
CA GLN A 46 -12.24 -23.41 -23.38
C GLN A 46 -11.15 -22.65 -24.13
N ASN A 47 -10.39 -21.85 -23.38
CA ASN A 47 -9.34 -21.00 -23.97
C ASN A 47 -7.93 -21.59 -23.90
N THR A 48 -7.82 -22.85 -23.51
CA THR A 48 -6.52 -23.51 -23.40
C THR A 48 -5.71 -23.51 -24.71
N PRO A 49 -6.36 -23.78 -25.86
CA PRO A 49 -5.61 -23.67 -27.11
C PRO A 49 -4.96 -22.28 -27.29
N TRP A 50 -5.72 -21.21 -27.03
CA TRP A 50 -5.17 -19.86 -27.18
C TRP A 50 -4.00 -19.61 -26.20
N LEU A 51 -4.17 -20.04 -24.94
CA LEU A 51 -3.14 -19.87 -23.91
C LEU A 51 -1.84 -20.61 -24.26
N LYS A 52 -1.96 -21.83 -24.79
CA LYS A 52 -0.78 -22.56 -25.29
C LYS A 52 -0.10 -21.83 -26.46
N ARG A 53 -0.90 -21.29 -27.39
CA ARG A 53 -0.35 -20.48 -28.50
C ARG A 53 0.47 -19.31 -27.95
N MET A 54 -0.13 -18.57 -27.03
CA MET A 54 0.51 -17.40 -26.42
C MET A 54 1.80 -17.78 -25.66
N ASN A 55 1.74 -18.90 -24.93
CA ASN A 55 2.89 -19.45 -24.18
C ASN A 55 4.05 -19.80 -25.13
N ALA A 56 3.72 -20.48 -26.22
CA ALA A 56 4.73 -20.82 -27.25
C ALA A 56 5.35 -19.56 -27.86
N GLN A 57 4.59 -18.46 -27.90
CA GLN A 57 5.07 -17.20 -28.48
C GLN A 57 5.80 -16.30 -27.47
N GLY A 58 6.08 -16.84 -26.28
CA GLY A 58 6.92 -16.16 -25.29
C GLY A 58 6.22 -15.52 -24.11
N ASN A 59 4.93 -15.84 -23.93
CA ASN A 59 4.12 -15.29 -22.82
C ASN A 59 4.06 -16.20 -21.58
N ASP A 60 4.23 -15.62 -20.39
CA ASP A 60 3.93 -16.31 -19.14
C ASP A 60 2.41 -16.22 -18.84
N VAL A 61 1.89 -17.27 -18.20
CA VAL A 61 0.46 -17.40 -17.92
C VAL A 61 0.21 -17.40 -16.41
N TYR A 62 -0.61 -16.45 -15.96
CA TYR A 62 -0.84 -16.21 -14.54
C TYR A 62 -2.33 -16.35 -14.20
N ILE A 63 -2.61 -16.56 -12.91
CA ILE A 63 -3.98 -16.83 -12.46
C ILE A 63 -4.21 -16.32 -11.03
N ARG A 64 -5.42 -15.80 -10.81
CA ARG A 64 -5.88 -15.44 -9.47
C ARG A 64 -7.41 -15.49 -9.48
N PRO A 65 -8.03 -15.59 -8.28
CA PRO A 65 -9.49 -15.43 -8.23
C PRO A 65 -9.91 -14.07 -8.78
N ALA A 66 -11.07 -14.03 -9.44
CA ALA A 66 -11.58 -12.77 -9.98
C ALA A 66 -11.88 -11.79 -8.86
N GLU A 67 -11.84 -10.49 -9.19
CA GLU A 67 -12.20 -9.44 -8.24
C GLU A 67 -13.68 -9.59 -7.85
N GLN A 68 -13.97 -9.44 -6.57
CA GLN A 68 -15.34 -9.65 -6.04
C GLN A 68 -15.87 -11.09 -6.18
N GLU A 69 -14.95 -12.04 -6.40
CA GLU A 69 -15.20 -13.44 -6.10
C GLU A 69 -15.16 -13.52 -4.57
N ARG A 70 -16.07 -14.28 -3.98
CA ARG A 70 -16.05 -14.51 -2.54
C ARG A 70 -15.24 -15.77 -2.31
N HIS A 71 -14.09 -15.61 -1.64
CA HIS A 71 -13.14 -16.69 -1.45
C HIS A 71 -12.25 -16.38 -0.25
N GLY A 72 -11.50 -17.39 0.19
CA GLY A 72 -10.55 -17.24 1.30
C GLY A 72 -9.16 -17.75 0.95
N LEU A 73 -8.78 -17.63 -0.32
CA LEU A 73 -7.48 -18.10 -0.83
C LEU A 73 -6.40 -17.04 -0.70
N VAL A 74 -5.26 -17.41 -0.14
CA VAL A 74 -4.12 -16.48 0.05
C VAL A 74 -2.86 -17.05 -0.57
N LEU A 75 -2.25 -16.30 -1.49
CA LEU A 75 -0.99 -16.71 -2.16
C LEU A 75 0.26 -16.46 -1.31
N VAL A 76 1.12 -17.48 -1.21
CA VAL A 76 2.45 -17.38 -0.60
C VAL A 76 3.53 -17.77 -1.63
N ASP A 77 4.43 -16.83 -1.93
CA ASP A 77 5.33 -16.91 -3.09
C ASP A 77 6.79 -17.15 -2.66
N ASP A 78 7.58 -17.79 -3.53
CA ASP A 78 9.04 -17.99 -3.34
C ASP A 78 9.40 -18.88 -2.15
N LEU A 79 8.77 -20.06 -2.08
CA LEU A 79 8.98 -21.02 -0.99
C LEU A 79 9.88 -22.19 -1.41
N SER A 80 10.66 -22.71 -0.45
CA SER A 80 11.45 -23.92 -0.65
C SER A 80 10.62 -25.11 -0.16
N GLU A 81 11.08 -26.33 -0.46
CA GLU A 81 10.38 -27.55 0.02
C GLU A 81 10.34 -27.61 1.55
N PHE A 82 11.41 -27.11 2.18
CA PHE A 82 11.52 -27.09 3.65
C PHE A 82 10.53 -26.11 4.29
N ASP A 83 10.32 -24.97 3.65
CA ASP A 83 9.29 -24.01 4.06
C ASP A 83 7.90 -24.65 4.06
N LEU A 84 7.61 -25.45 3.04
CA LEU A 84 6.32 -26.17 2.95
C LEU A 84 6.13 -27.19 4.06
N ASP A 85 7.20 -27.90 4.41
CA ASP A 85 7.22 -28.83 5.55
C ASP A 85 6.83 -28.12 6.85
N ASP A 86 7.42 -26.95 7.08
CA ASP A 86 7.08 -26.14 8.24
C ASP A 86 5.62 -25.67 8.23
N MET A 87 5.16 -25.17 7.08
CA MET A 87 3.77 -24.71 6.92
C MET A 87 2.76 -25.79 7.31
N LYS A 88 2.93 -26.99 6.76
CA LYS A 88 2.05 -28.13 7.07
C LYS A 88 2.05 -28.50 8.57
N ALA A 89 3.23 -28.51 9.19
CA ALA A 89 3.38 -28.92 10.59
C ALA A 89 2.86 -27.86 11.58
N GLU A 90 2.55 -26.69 11.05
CA GLU A 90 2.04 -25.55 11.82
C GLU A 90 0.58 -25.21 11.49
N GLY A 91 -0.09 -26.08 10.74
CA GLY A 91 -1.50 -25.84 10.42
C GLY A 91 -1.75 -24.82 9.32
N ARG A 92 -0.71 -24.49 8.56
CA ARG A 92 -0.84 -23.65 7.35
C ARG A 92 -0.78 -24.54 6.10
N GLU A 93 -1.54 -25.63 6.11
CA GLU A 93 -1.51 -26.61 5.01
C GLU A 93 -1.98 -25.92 3.72
N PRO A 94 -1.21 -26.07 2.64
CA PRO A 94 -1.58 -25.50 1.35
C PRO A 94 -2.84 -26.15 0.79
N ALA A 95 -3.71 -25.34 0.17
CA ALA A 95 -4.81 -25.87 -0.62
C ALA A 95 -4.32 -26.36 -1.98
N LEU A 96 -3.24 -25.77 -2.47
CA LEU A 96 -2.50 -26.31 -3.60
C LEU A 96 -1.07 -25.80 -3.62
N VAL A 97 -0.18 -26.57 -4.25
CA VAL A 97 1.22 -26.17 -4.40
C VAL A 97 1.61 -26.22 -5.88
N VAL A 98 2.26 -25.16 -6.35
CA VAL A 98 2.74 -25.05 -7.72
C VAL A 98 4.26 -24.85 -7.72
N GLU A 99 4.96 -25.68 -8.48
CA GLU A 99 6.41 -25.51 -8.69
C GLU A 99 6.61 -24.61 -9.90
N THR A 100 7.15 -23.41 -9.67
CA THR A 100 7.27 -22.40 -10.73
C THR A 100 8.55 -22.54 -11.53
N SER A 101 9.59 -23.03 -10.86
CA SER A 101 10.86 -23.41 -11.45
C SER A 101 11.45 -24.45 -10.49
N PRO A 102 12.49 -25.21 -10.92
CA PRO A 102 13.04 -26.24 -10.03
C PRO A 102 13.41 -25.77 -8.61
N LYS A 103 12.84 -26.47 -7.62
CA LYS A 103 13.05 -26.23 -6.18
C LYS A 103 12.39 -24.93 -5.68
N ASN A 104 11.59 -24.29 -6.53
CA ASN A 104 10.91 -23.02 -6.22
C ASN A 104 9.39 -23.19 -6.30
N TYR A 105 8.70 -22.84 -5.21
CA TYR A 105 7.26 -23.13 -5.07
C TYR A 105 6.39 -21.93 -4.71
N GLN A 106 5.13 -22.02 -5.10
CA GLN A 106 4.05 -21.16 -4.63
C GLN A 106 3.02 -22.02 -3.93
N ALA A 107 2.42 -21.48 -2.87
CA ALA A 107 1.28 -22.15 -2.23
C ALA A 107 0.08 -21.21 -2.14
N TRP A 108 -1.12 -21.74 -2.35
CA TRP A 108 -2.34 -21.03 -2.03
C TRP A 108 -2.89 -21.66 -0.76
N VAL A 109 -3.10 -20.85 0.27
CA VAL A 109 -3.64 -21.32 1.56
C VAL A 109 -5.10 -20.84 1.66
N LYS A 110 -6.03 -21.78 1.90
CA LYS A 110 -7.44 -21.48 2.09
C LYS A 110 -7.69 -21.28 3.59
N VAL A 111 -8.03 -20.06 3.98
CA VAL A 111 -8.28 -19.75 5.40
C VAL A 111 -9.75 -19.80 5.81
N ALA A 112 -10.65 -19.71 4.83
CA ALA A 112 -12.10 -19.62 5.07
C ALA A 112 -12.84 -19.86 3.76
N ASP A 113 -14.14 -20.09 3.81
CA ASP A 113 -14.94 -20.18 2.58
C ASP A 113 -15.05 -18.80 1.91
N ALA A 114 -15.10 -17.75 2.74
CA ALA A 114 -15.08 -16.38 2.25
C ALA A 114 -14.44 -15.44 3.28
N ALA A 115 -13.51 -14.60 2.81
CA ALA A 115 -12.91 -13.54 3.61
C ALA A 115 -12.64 -12.31 2.74
N GLY A 116 -12.96 -11.12 3.26
CA GLY A 116 -12.82 -9.89 2.47
C GLY A 116 -11.39 -9.57 2.09
N GLY A 117 -11.20 -8.64 1.16
CA GLY A 117 -9.87 -8.22 0.72
C GLY A 117 -8.98 -7.76 1.87
N GLU A 118 -9.58 -7.00 2.79
CA GLU A 118 -8.91 -6.51 4.00
C GLU A 118 -8.22 -7.63 4.80
N LEU A 119 -8.97 -8.67 5.15
CA LEU A 119 -8.40 -9.77 5.95
C LEU A 119 -7.38 -10.59 5.14
N ARG A 120 -7.68 -10.83 3.86
CA ARG A 120 -6.77 -11.62 3.02
C ARG A 120 -5.41 -10.97 2.83
N GLY A 121 -5.40 -9.65 2.64
CA GLY A 121 -4.16 -8.90 2.45
C GLY A 121 -3.31 -8.92 3.70
N GLN A 122 -3.97 -8.78 4.85
CA GLN A 122 -3.29 -8.85 6.14
C GLN A 122 -2.69 -10.24 6.35
N ILE A 123 -3.44 -11.28 6.03
CA ILE A 123 -2.96 -12.65 6.18
C ILE A 123 -1.81 -12.94 5.20
N ALA A 124 -1.93 -12.45 3.96
CA ALA A 124 -0.85 -12.60 2.98
C ALA A 124 0.48 -12.04 3.49
N ARG A 125 0.44 -10.84 4.08
CA ARG A 125 1.63 -10.23 4.67
C ARG A 125 2.13 -11.04 5.88
N THR A 126 1.20 -11.54 6.69
CA THR A 126 1.53 -12.32 7.88
C THR A 126 2.23 -13.64 7.50
N LEU A 127 1.70 -14.33 6.50
CA LEU A 127 2.27 -15.60 6.06
C LEU A 127 3.61 -15.39 5.37
N ALA A 128 3.75 -14.30 4.60
CA ALA A 128 5.02 -13.97 3.97
C ALA A 128 6.09 -13.71 5.03
N SER A 129 5.69 -13.03 6.10
CA SER A 129 6.58 -12.79 7.24
C SER A 129 6.90 -14.08 8.01
N GLU A 130 5.87 -14.90 8.29
CA GLU A 130 6.04 -16.17 9.02
C GLU A 130 7.09 -17.08 8.39
N TYR A 131 7.08 -17.15 7.06
CA TYR A 131 7.93 -18.09 6.33
C TYR A 131 9.02 -17.41 5.49
N ASP A 132 9.30 -16.13 5.80
CA ASP A 132 10.32 -15.32 5.11
C ASP A 132 10.20 -15.50 3.57
N ALA A 133 8.97 -15.39 3.08
CA ALA A 133 8.68 -15.47 1.67
C ALA A 133 8.80 -14.08 1.01
N ASP A 134 8.42 -13.97 -0.26
CA ASP A 134 8.54 -12.69 -0.99
C ASP A 134 7.46 -11.70 -0.52
N PRO A 135 7.88 -10.62 0.17
CA PRO A 135 6.90 -9.65 0.68
C PRO A 135 6.20 -8.85 -0.44
N ALA A 136 6.87 -8.68 -1.57
CA ALA A 136 6.32 -7.94 -2.71
C ALA A 136 5.13 -8.66 -3.33
N SER A 137 5.07 -9.97 -3.09
CA SER A 137 4.00 -10.84 -3.58
C SER A 137 2.80 -10.90 -2.62
N ALA A 138 2.96 -10.30 -1.44
CA ALA A 138 1.96 -10.38 -0.38
C ALA A 138 0.92 -9.28 -0.50
N ASP A 139 -0.15 -9.58 -1.23
CA ASP A 139 -1.34 -8.72 -1.29
C ASP A 139 -2.56 -9.53 -1.74
N SER A 140 -3.76 -8.98 -1.53
CA SER A 140 -5.01 -9.72 -1.77
C SER A 140 -5.33 -9.95 -3.25
N ARG A 141 -4.56 -9.32 -4.14
CA ARG A 141 -4.80 -9.42 -5.59
C ARG A 141 -3.57 -9.85 -6.41
N HIS A 142 -2.65 -10.59 -5.78
CA HIS A 142 -1.42 -10.94 -6.50
C HIS A 142 -1.63 -12.16 -7.38
N TYR A 143 -1.02 -12.12 -8.56
CA TYR A 143 -1.09 -13.22 -9.51
C TYR A 143 -0.15 -14.35 -9.09
N GLY A 144 -0.64 -15.58 -9.15
CA GLY A 144 0.21 -16.75 -9.17
C GLY A 144 0.35 -17.34 -10.57
N ARG A 145 1.17 -18.39 -10.68
CA ARG A 145 1.36 -19.09 -11.95
C ARG A 145 0.28 -20.14 -12.16
N LEU A 146 -0.16 -20.29 -13.40
CA LEU A 146 -1.05 -21.38 -13.78
C LEU A 146 -0.24 -22.58 -14.28
N ALA A 147 -0.50 -23.75 -13.71
CA ALA A 147 0.22 -24.96 -14.06
C ALA A 147 -0.08 -25.38 -15.51
N GLY A 148 0.86 -26.07 -16.13
CA GLY A 148 0.65 -26.63 -17.47
C GLY A 148 1.34 -25.86 -18.59
N PHE A 149 2.13 -24.87 -18.21
CA PHE A 149 2.77 -23.94 -19.15
C PHE A 149 4.26 -23.79 -18.83
N THR A 150 5.04 -23.39 -19.83
CA THR A 150 6.45 -23.12 -19.60
C THR A 150 6.66 -21.75 -18.95
N ASN A 151 7.64 -21.67 -18.04
CA ASN A 151 8.09 -20.42 -17.43
C ASN A 151 9.05 -19.74 -18.41
N ARG A 152 8.60 -18.64 -19.01
CA ARG A 152 9.32 -17.97 -20.10
C ARG A 152 10.25 -16.84 -19.63
N LYS A 153 10.12 -16.50 -18.35
CA LYS A 153 10.80 -15.34 -17.75
C LYS A 153 12.29 -15.61 -17.58
N LYS A 155 15.52 -20.33 -16.98
CA LYS A 155 16.18 -21.05 -18.07
C LYS A 155 17.32 -21.92 -17.55
N HIS A 156 17.33 -23.19 -17.97
CA HIS A 156 18.36 -24.14 -17.57
C HIS A 156 19.29 -24.47 -18.74
N THR A 157 20.42 -25.12 -18.43
CA THR A 157 21.40 -25.51 -19.43
C THR A 157 20.91 -26.71 -20.25
N THR A 158 20.74 -26.49 -21.56
CA THR A 158 20.26 -27.50 -22.52
C THR A 158 18.90 -28.09 -22.16
N TYR A 162 14.35 -26.90 -22.39
CA TYR A 162 15.36 -26.26 -21.54
C TYR A 162 14.72 -25.24 -20.61
N GLN A 163 13.64 -24.62 -21.08
CA GLN A 163 12.83 -23.70 -20.28
C GLN A 163 11.94 -24.53 -19.34
N PRO A 164 11.93 -24.21 -18.03
CA PRO A 164 11.23 -25.10 -17.09
C PRO A 164 9.71 -25.04 -17.19
N TRP A 165 9.07 -26.17 -16.86
CA TRP A 165 7.61 -26.28 -16.84
C TRP A 165 7.04 -25.94 -15.46
N VAL A 166 5.92 -25.23 -15.45
CA VAL A 166 5.20 -24.93 -14.20
C VAL A 166 4.31 -26.13 -13.85
N LEU A 167 4.56 -26.74 -12.69
CA LEU A 167 3.90 -28.02 -12.34
C LEU A 167 2.98 -27.91 -11.15
N LEU A 168 1.82 -28.56 -11.21
CA LEU A 168 0.95 -28.69 -10.04
C LEU A 168 1.41 -29.87 -9.19
N ARG A 169 1.92 -29.58 -8.00
CA ARG A 169 2.55 -30.61 -7.14
C ARG A 169 1.59 -31.25 -6.15
N GLU A 170 0.65 -30.46 -5.64
CA GLU A 170 -0.45 -31.00 -4.81
C GLU A 170 -1.67 -30.09 -4.91
N SER A 171 -2.84 -30.65 -4.60
CA SER A 171 -4.09 -29.95 -4.89
C SER A 171 -5.26 -30.48 -4.05
N LYS A 172 -5.02 -30.60 -2.75
CA LYS A 172 -6.01 -31.16 -1.80
C LYS A 172 -7.26 -30.29 -1.67
N GLY A 173 -7.10 -28.97 -1.71
CA GLY A 173 -8.25 -28.04 -1.75
C GLY A 173 -8.93 -27.76 -0.41
N LYS A 174 -8.36 -28.29 0.66
CA LYS A 174 -9.00 -28.19 1.98
C LYS A 174 -8.56 -26.95 2.75
N THR A 175 -9.45 -26.44 3.60
CA THR A 175 -9.12 -25.31 4.47
C THR A 175 -7.98 -25.68 5.41
N ALA A 176 -7.02 -24.77 5.61
CA ALA A 176 -5.92 -25.00 6.55
C ALA A 176 -6.44 -25.18 7.98
N THR A 177 -5.81 -26.04 8.77
CA THR A 177 -6.18 -26.20 10.20
C THR A 177 -6.23 -24.85 10.95
N ALA A 178 -5.24 -24.00 10.68
CA ALA A 178 -5.12 -22.68 11.31
C ALA A 178 -5.92 -21.59 10.63
N GLY A 179 -6.73 -21.94 9.63
CA GLY A 179 -7.55 -20.95 8.91
C GLY A 179 -8.40 -20.06 9.81
N PRO A 180 -9.35 -20.64 10.56
CA PRO A 180 -10.15 -19.83 11.48
C PRO A 180 -9.28 -18.98 12.43
N ALA A 181 -8.18 -19.55 12.93
CA ALA A 181 -7.24 -18.83 13.82
C ALA A 181 -6.51 -17.65 13.15
N LEU A 182 -6.14 -17.81 11.88
CA LEU A 182 -5.51 -16.73 11.13
C LEU A 182 -6.48 -15.57 10.84
N VAL A 183 -7.75 -15.91 10.58
CA VAL A 183 -8.82 -14.91 10.43
C VAL A 183 -9.03 -14.14 11.75
N GLN A 184 -9.03 -14.88 12.87
CA GLN A 184 -9.14 -14.24 14.19
C GLN A 184 -7.96 -13.31 14.45
N GLN A 185 -6.75 -13.78 14.15
CA GLN A 185 -5.50 -13.02 14.38
C GLN A 185 -5.48 -11.71 13.58
N ALA A 186 -5.86 -11.80 12.31
CA ALA A 186 -5.95 -10.63 11.45
C ALA A 186 -6.92 -9.60 12.01
N GLY A 187 -8.05 -10.07 12.51
CA GLY A 187 -9.07 -9.19 13.09
C GLY A 187 -8.55 -8.49 14.35
N GLN A 188 -7.83 -9.23 15.18
CA GLN A 188 -7.17 -8.71 16.38
C GLN A 188 -6.11 -7.65 16.07
N GLN A 189 -5.31 -7.91 15.03
CA GLN A 189 -4.29 -6.95 14.59
C GLN A 189 -4.89 -5.66 14.04
N ILE A 190 -5.98 -5.79 13.29
CA ILE A 190 -6.71 -4.61 12.77
C ILE A 190 -7.35 -3.82 13.91
N GLU A 191 -7.96 -4.54 14.86
CA GLU A 191 -8.55 -3.92 16.05
C GLU A 191 -7.50 -3.16 16.87
N GLN A 192 -6.30 -3.72 16.96
CA GLN A 192 -5.19 -3.08 17.67
C GLN A 192 -4.81 -1.78 16.97
N ALA A 193 -4.64 -1.84 15.65
CA ALA A 193 -4.32 -0.65 14.83
C ALA A 193 -5.36 0.45 15.02
N GLN A 194 -6.63 0.06 15.06
CA GLN A 194 -7.74 1.00 15.25
C GLN A 194 -7.73 1.66 16.63
N ARG A 195 -7.35 0.90 17.66
CA ARG A 195 -7.18 1.46 19.01
C ARG A 195 -6.08 2.52 19.04
N GLN A 196 -4.97 2.26 18.35
CA GLN A 196 -3.87 3.22 18.27
C GLN A 196 -4.28 4.47 17.50
N GLN A 197 -5.12 4.28 16.47
CA GLN A 197 -5.71 5.38 15.72
C GLN A 197 -6.57 6.27 16.62
N GLU A 198 -7.41 5.64 17.45
CA GLU A 198 -8.26 6.36 18.40
C GLU A 198 -7.41 7.09 19.45
N LYS A 199 -6.32 6.46 19.89
CA LYS A 199 -5.35 7.09 20.80
C LYS A 199 -4.78 8.37 20.18
N ALA A 200 -4.25 8.24 18.96
CA ALA A 200 -3.69 9.38 18.22
C ALA A 200 -4.72 10.49 18.00
N ARG A 201 -5.97 10.08 17.75
CA ARG A 201 -7.09 11.00 17.63
C ARG A 201 -7.32 11.79 18.92
N ARG A 202 -7.47 11.07 20.02
CA ARG A 202 -7.72 11.66 21.34
C ARG A 202 -6.59 12.59 21.78
N LEU A 203 -5.37 12.22 21.41
CA LEU A 203 -4.17 12.99 21.73
C LEU A 203 -4.12 14.32 20.97
N ALA A 204 -4.38 14.27 19.68
CA ALA A 204 -4.43 15.47 18.83
C ALA A 204 -5.57 16.40 19.26
N SER A 205 -6.67 15.78 19.72
CA SER A 205 -7.82 16.51 20.26
C SER A 205 -7.41 17.43 21.43
N LEU A 206 -6.54 16.92 22.30
CA LEU A 206 -6.03 17.70 23.45
C LEU A 206 -5.02 18.77 23.05
N GLU A 207 -4.20 18.47 22.03
CA GLU A 207 -3.11 19.36 21.63
C GLU A 207 -3.53 20.42 20.63
N ARG A 217 -6.28 22.92 4.51
CA ARG A 217 -7.32 23.61 5.27
C ARG A 217 -6.76 24.76 6.10
N ARG A 218 -5.43 24.76 6.28
CA ARG A 218 -4.74 25.78 7.08
C ARG A 218 -4.29 26.95 6.20
N THR A 219 -4.92 28.10 6.40
CA THR A 219 -4.60 29.32 5.66
C THR A 219 -3.57 30.17 6.41
N ALA A 220 -3.25 31.34 5.86
CA ALA A 220 -2.30 32.29 6.48
C ALA A 220 -2.71 32.67 7.90
N LEU A 221 -4.00 32.90 8.09
CA LEU A 221 -4.58 33.22 9.39
C LEU A 221 -4.35 32.09 10.41
N ASP A 222 -4.71 30.87 10.02
CA ASP A 222 -4.52 29.68 10.86
C ASP A 222 -3.04 29.49 11.19
N GLU A 223 -2.19 29.76 10.20
CA GLU A 223 -0.74 29.67 10.30
C GLU A 223 -0.20 30.69 11.32
N TYR A 224 -0.70 31.92 11.22
CA TYR A 224 -0.33 32.99 12.15
C TYR A 224 -0.74 32.67 13.59
N ARG A 225 -1.99 32.25 13.78
CA ARG A 225 -2.52 31.91 15.09
C ARG A 225 -1.75 30.75 15.74
N SER A 226 -1.37 29.77 14.93
CA SER A 226 -0.59 28.62 15.40
C SER A 226 0.75 29.06 15.99
N GLU A 227 1.48 29.89 15.25
CA GLU A 227 2.78 30.42 15.73
C GLU A 227 2.61 31.26 17.00
N MET A 228 1.60 32.14 17.00
CA MET A 228 1.34 33.03 18.13
C MET A 228 1.06 32.29 19.44
N ALA A 229 0.27 31.22 19.37
CA ALA A 229 -0.12 30.44 20.55
C ALA A 229 1.08 29.95 21.37
N GLY A 230 2.19 29.67 20.68
CA GLY A 230 3.44 29.29 21.34
C GLY A 230 4.33 30.46 21.69
N LEU A 231 4.27 31.52 20.89
CA LEU A 231 5.13 32.67 21.09
C LEU A 231 4.76 33.50 22.32
N VAL A 232 3.46 33.66 22.56
CA VAL A 232 2.94 34.49 23.66
C VAL A 232 3.19 33.87 25.03
N LYS A 233 3.48 32.58 25.07
CA LYS A 233 3.85 31.90 26.30
C LYS A 233 5.24 32.29 26.80
N ARG A 234 6.19 32.46 25.88
CA ARG A 234 7.56 32.86 26.27
C ARG A 234 7.85 34.36 26.11
N PHE A 235 7.10 35.03 25.24
CA PHE A 235 7.27 36.48 25.02
C PHE A 235 6.01 37.29 25.34
N GLY A 236 5.31 36.92 26.40
CA GLY A 236 4.04 37.56 26.80
C GLY A 236 4.11 39.03 27.17
N ASP A 237 5.32 39.53 27.39
CA ASP A 237 5.56 40.94 27.72
C ASP A 237 5.90 41.80 26.51
N ASP A 238 5.94 41.19 25.33
CA ASP A 238 6.31 41.90 24.10
C ASP A 238 5.52 41.32 22.92
N LEU A 239 4.23 41.66 22.87
CA LEU A 239 3.32 41.12 21.85
C LEU A 239 3.66 41.55 20.42
N SER A 240 4.29 42.72 20.26
CA SER A 240 4.77 43.17 18.95
C SER A 240 5.93 42.30 18.46
N LYS A 241 6.81 41.90 19.37
CA LYS A 241 7.89 40.95 19.07
C LYS A 241 7.30 39.61 18.61
N CYS A 242 6.25 39.16 19.29
CA CYS A 242 5.51 37.96 18.88
C CYS A 242 5.05 38.09 17.43
N ASP A 243 4.43 39.23 17.10
CA ASP A 243 4.01 39.52 15.73
C ASP A 243 5.21 39.42 14.77
N PHE A 244 6.32 40.04 15.14
CA PHE A 244 7.51 40.08 14.30
C PHE A 244 8.00 38.65 13.98
N ILE A 245 8.10 37.82 15.01
CA ILE A 245 8.58 36.44 14.82
C ILE A 245 7.60 35.59 13.99
N ALA A 246 6.30 35.73 14.26
CA ALA A 246 5.28 35.04 13.47
C ALA A 246 5.33 35.49 12.00
N ALA A 247 5.41 36.80 11.78
CA ALA A 247 5.52 37.35 10.42
C ALA A 247 6.77 36.83 9.70
N GLN A 248 7.88 36.76 10.43
CA GLN A 248 9.13 36.24 9.85
C GLN A 248 8.97 34.78 9.40
N LYS A 249 8.26 33.99 10.21
CA LYS A 249 8.03 32.57 9.91
C LYS A 249 7.12 32.39 8.68
N LEU A 250 5.98 33.10 8.68
CA LEU A 250 5.07 33.13 7.54
C LEU A 250 5.73 33.61 6.24
N ALA A 251 6.51 34.69 6.33
CA ALA A 251 7.22 35.23 5.14
C ALA A 251 8.30 34.28 4.61
N SER A 252 9.02 33.62 5.53
CA SER A 252 10.03 32.63 5.17
C SER A 252 9.42 31.42 4.47
N ARG A 253 8.15 31.15 4.76
CA ARG A 253 7.44 30.01 4.16
C ARG A 253 6.64 30.43 2.91
N GLY A 254 6.83 31.67 2.48
CA GLY A 254 6.32 32.15 1.19
C GLY A 254 5.04 32.97 1.21
N ARG A 255 4.52 33.25 2.41
CA ARG A 255 3.28 34.03 2.53
C ARG A 255 3.52 35.46 2.09
N SER A 256 2.51 36.03 1.45
CA SER A 256 2.55 37.39 0.91
C SER A 256 2.57 38.44 2.01
N ALA A 257 3.09 39.62 1.68
CA ALA A 257 3.00 40.79 2.56
C ALA A 257 1.54 41.12 2.87
N GLU A 258 0.66 40.94 1.88
CA GLU A 258 -0.78 41.15 2.01
C GLU A 258 -1.44 40.07 2.89
N GLU A 259 -1.07 38.81 2.65
CA GLU A 259 -1.53 37.67 3.46
C GLU A 259 -1.22 37.88 4.96
N ILE A 260 0.00 38.29 5.25
CA ILE A 260 0.46 38.52 6.62
C ILE A 260 -0.23 39.73 7.26
N GLY A 261 -0.32 40.82 6.50
CA GLY A 261 -1.00 42.02 6.95
C GLY A 261 -2.45 41.76 7.33
N LYS A 262 -3.16 41.08 6.45
CA LYS A 262 -4.57 40.73 6.66
C LYS A 262 -4.76 39.81 7.88
N ALA A 263 -3.81 38.92 8.10
CA ALA A 263 -3.82 38.02 9.26
C ALA A 263 -3.61 38.79 10.57
N MET A 264 -2.67 39.73 10.55
CA MET A 264 -2.41 40.60 11.70
C MET A 264 -3.61 41.47 12.00
N ALA A 265 -4.20 42.05 10.95
CA ALA A 265 -5.39 42.90 11.08
C ALA A 265 -6.53 42.21 11.80
N GLU A 266 -6.65 40.90 11.59
CA GLU A 266 -7.76 40.10 12.14
C GLU A 266 -7.48 39.58 13.55
N ALA A 267 -6.24 39.16 13.81
CA ALA A 267 -5.94 38.36 15.00
C ALA A 267 -4.87 38.88 15.97
N SER A 268 -4.14 39.93 15.59
CA SER A 268 -3.03 40.44 16.43
C SER A 268 -3.51 41.19 17.67
N PRO A 269 -3.15 40.71 18.87
CA PRO A 269 -3.44 41.47 20.09
C PRO A 269 -2.68 42.79 20.13
N ALA A 270 -1.42 42.80 19.66
CA ALA A 270 -0.62 44.03 19.62
C ALA A 270 -1.27 45.11 18.74
N LEU A 271 -1.88 44.68 17.63
CA LEU A 271 -2.56 45.59 16.70
C LEU A 271 -3.81 46.20 17.31
N ALA A 272 -4.59 45.40 18.04
CA ALA A 272 -5.83 45.88 18.68
C ALA A 272 -5.60 47.09 19.57
N GLU A 273 -4.36 47.22 20.05
CA GLU A 273 -3.93 48.36 20.87
C GLU A 273 -3.70 49.65 20.06
N ARG A 274 -3.39 49.49 18.77
CA ARG A 274 -3.07 50.64 17.90
C ARG A 274 -4.24 51.60 17.66
N LYS A 275 -3.91 52.80 17.17
CA LYS A 275 -4.87 53.89 16.93
C LYS A 275 -5.53 54.39 18.21
N HIS A 278 -1.20 54.31 14.55
CA HIS A 278 -2.37 53.73 13.89
C HIS A 278 -2.12 52.29 13.44
N GLU A 279 -3.19 51.60 13.08
CA GLU A 279 -3.15 50.16 12.77
C GLU A 279 -2.31 49.84 11.53
N ALA A 280 -2.64 50.49 10.42
CA ALA A 280 -2.01 50.20 9.13
C ALA A 280 -0.49 50.41 9.13
N ASP A 281 -0.03 51.47 9.80
CA ASP A 281 1.39 51.78 9.90
C ASP A 281 2.19 50.70 10.64
N TYR A 282 1.61 50.18 11.72
CA TYR A 282 2.27 49.14 12.52
C TYR A 282 2.45 47.85 11.70
N ILE A 283 1.39 47.45 10.98
CA ILE A 283 1.46 46.29 10.08
C ILE A 283 2.53 46.46 8.99
N GLU A 284 2.48 47.59 8.30
CA GLU A 284 3.40 47.91 7.20
C GLU A 284 4.86 47.86 7.66
N ARG A 285 5.14 48.44 8.82
CA ARG A 285 6.48 48.47 9.38
C ARG A 285 6.93 47.07 9.81
N THR A 286 6.04 46.33 10.46
CA THR A 286 6.33 44.94 10.83
C THR A 286 6.71 44.12 9.60
N VAL A 287 5.88 44.22 8.55
CA VAL A 287 6.14 43.45 7.33
C VAL A 287 7.41 43.95 6.63
N SER A 288 7.63 45.27 6.63
CA SER A 288 8.83 45.85 6.02
C SER A 288 10.11 45.33 6.67
N LYS A 289 10.14 45.32 8.00
CA LYS A 289 11.31 44.89 8.76
C LYS A 289 11.63 43.42 8.50
N VAL A 290 10.59 42.61 8.45
CA VAL A 290 10.69 41.18 8.17
C VAL A 290 11.27 40.92 6.77
N MET A 291 10.76 41.64 5.76
CA MET A 291 11.18 41.43 4.38
C MET A 291 12.63 41.87 4.12
N GLY A 292 13.16 42.73 4.98
CA GLY A 292 14.56 43.19 4.89
C GLY A 292 15.58 42.22 5.49
N LEU A 293 15.12 41.21 6.22
CA LEU A 293 16.02 40.28 6.89
C LEU A 293 16.66 39.35 5.88
N PRO A 294 17.99 39.16 5.98
CA PRO A 294 18.73 38.21 5.15
C PRO A 294 18.10 36.80 5.24
N SER A 295 17.69 36.41 6.45
CA SER A 295 17.07 35.10 6.67
C SER A 295 15.82 34.90 5.81
N VAL A 296 14.96 35.92 5.78
CA VAL A 296 13.71 35.87 5.04
C VAL A 296 14.00 35.92 3.54
N GLN A 297 14.88 36.81 3.13
CA GLN A 297 15.29 36.93 1.72
C GLN A 297 15.87 35.63 1.15
N LEU A 298 16.75 34.98 1.90
CA LEU A 298 17.33 33.69 1.50
C LEU A 298 16.31 32.55 1.46
N ALA A 299 15.49 32.43 2.51
CA ALA A 299 14.44 31.43 2.55
C ALA A 299 13.50 31.55 1.35
N ARG A 300 13.03 32.78 1.09
CA ARG A 300 12.13 33.05 -0.06
C ARG A 300 12.78 32.71 -1.40
N ALA A 301 14.06 33.10 -1.55
CA ALA A 301 14.83 32.77 -2.76
C ALA A 301 14.97 31.27 -2.96
N GLU A 302 15.20 30.53 -1.86
CA GLU A 302 15.30 29.07 -1.91
C GLU A 302 13.94 28.41 -2.17
N LEU A 303 12.85 29.04 -1.70
CA LEU A 303 11.49 28.58 -2.00
C LEU A 303 11.14 28.75 -3.48
N ALA A 304 11.55 29.88 -4.06
CA ALA A 304 11.27 30.21 -5.45
C ALA A 304 11.83 29.18 -6.44
N ARG A 305 12.81 28.41 -6.00
CA ARG A 305 13.43 27.37 -6.85
C ARG A 305 12.66 26.04 -6.82
N ALA A 306 11.73 25.90 -5.88
CA ALA A 306 10.86 24.73 -5.77
C ALA A 306 9.62 24.86 -6.67
N PRO A 307 8.96 23.73 -7.01
CA PRO A 307 7.77 23.75 -7.88
C PRO A 307 6.62 24.61 -7.34
#